data_6TEF
#
_entry.id   6TEF
#
_cell.length_a   87.673
_cell.length_b   87.673
_cell.length_c   96.571
_cell.angle_alpha   90.000
_cell.angle_beta   90.000
_cell.angle_gamma   120.000
#
_symmetry.space_group_name_H-M   'P 31 2 1'
#
loop_
_entity.id
_entity.type
_entity.pdbx_description
1 polymer 'Pyrimidine monooxygenase RutA'
2 non-polymer 'SULFATE ION'
3 non-polymer GLYCEROL
4 non-polymer 'FLAVIN MONONUCLEOTIDE'
5 non-polymer 'OXYGEN MOLECULE'
6 water water
#
_entity_poly.entity_id   1
_entity_poly.type   'polypeptide(L)'
_entity_poly.pdbx_seq_one_letter_code
;MMKIGVFVPIGNNGWLISTHAPQYMPTFELNKAIVQKAEHYHFDFALSMIKLRGFGGKTEFWDHNLESFTLMAGLAAVTS
RIQIYATAATLTLPPAIVARMAATIDSISGGRFGVNLVTGWQKPEYEQMGIWPGDDYFSRRYDYLTEYVQVLRDLWGTGK
SDFKGDFFTMNDCRVSPQPSVPMKVICAGQSDAGMAFSARYADFNFCFGKGVNTPTAFAPTAARMKQAAEQTGRDVGSYV
LFMVIADETDDAARAKWEHYKAGADEEALSWLTEQSQKDTRSGTDTNVRQMADPTSAVNINMGTLVGSYASVARMLDEVA
SVPGAEGVLLTFDDFLSGIETFGERIQPLMQCRAHLPALTQEVA
;
_entity_poly.pdbx_strand_id   AAA
#
loop_
_chem_comp.id
_chem_comp.type
_chem_comp.name
_chem_comp.formula
FMN non-polymer 'FLAVIN MONONUCLEOTIDE' 'C17 H21 N4 O9 P'
GOL non-polymer GLYCEROL 'C3 H8 O3'
OXY non-polymer 'OXYGEN MOLECULE' O2
SO4 non-polymer 'SULFATE ION' 'O4 S -2'
#
# COMPACT_ATOMS: atom_id res chain seq x y z
N MET A 1 11.18 12.93 -11.81
CA MET A 1 10.58 13.32 -10.49
C MET A 1 9.59 12.24 -10.02
N MET A 2 9.80 11.63 -8.84
CA MET A 2 8.98 10.48 -8.48
C MET A 2 8.75 10.53 -6.96
N LYS A 3 7.55 10.15 -6.54
CA LYS A 3 7.20 10.12 -5.09
C LYS A 3 7.66 8.76 -4.55
N ILE A 4 7.98 8.75 -3.26
CA ILE A 4 8.47 7.52 -2.56
C ILE A 4 7.60 7.32 -1.33
N GLY A 5 7.01 6.15 -1.18
CA GLY A 5 6.31 5.84 0.05
C GLY A 5 6.91 4.62 0.71
N VAL A 6 6.61 4.46 1.99
CA VAL A 6 6.99 3.26 2.77
C VAL A 6 5.73 2.48 3.08
N PHE A 7 5.76 1.18 2.83
CA PHE A 7 4.69 0.25 3.18
C PHE A 7 5.05 -0.27 4.58
N VAL A 8 4.37 0.22 5.60
CA VAL A 8 4.80 -0.01 7.01
C VAL A 8 4.43 -1.43 7.40
N PRO A 9 5.32 -2.11 8.15
CA PRO A 9 5.04 -3.49 8.59
C PRO A 9 4.03 -3.55 9.76
N ILE A 10 2.78 -3.51 9.37
CA ILE A 10 1.64 -3.72 10.26
C ILE A 10 1.47 -5.21 10.56
N GLY A 11 2.13 -6.06 9.77
CA GLY A 11 2.17 -7.50 10.03
C GLY A 11 3.56 -7.99 10.40
N ASN A 12 3.64 -9.04 11.22
CA ASN A 12 4.95 -9.60 11.67
C ASN A 12 5.81 -10.02 10.47
N ASN A 13 7.10 -9.72 10.57
CA ASN A 13 8.17 -10.08 9.62
C ASN A 13 7.99 -9.35 8.29
N GLY A 14 7.18 -8.31 8.22
CA GLY A 14 7.14 -7.49 6.98
C GLY A 14 6.71 -8.31 5.80
N TRP A 15 7.52 -8.39 4.76
CA TRP A 15 7.17 -9.06 3.50
C TRP A 15 8.14 -10.19 3.17
N LEU A 16 8.77 -10.78 4.19
CA LEU A 16 9.65 -11.96 3.96
C LEU A 16 9.10 -13.16 4.73
N ILE A 17 8.95 -14.27 4.03
CA ILE A 17 8.38 -15.53 4.55
C ILE A 17 9.56 -16.52 4.67
N SER A 18 10.42 -16.29 5.65
CA SER A 18 11.74 -16.99 5.71
C SER A 18 12.23 -17.03 7.15
N THR A 19 12.78 -18.16 7.60
CA THR A 19 13.42 -18.26 8.92
C THR A 19 14.75 -17.49 8.90
N HIS A 20 15.29 -17.12 7.74
CA HIS A 20 16.57 -16.38 7.68
C HIS A 20 16.34 -14.88 7.56
N ALA A 21 15.10 -14.44 7.42
CA ALA A 21 14.74 -13.01 7.39
C ALA A 21 14.65 -12.48 8.81
N PRO A 22 14.76 -11.17 9.01
CA PRO A 22 14.50 -10.60 10.33
C PRO A 22 13.14 -11.00 10.89
N GLN A 23 13.12 -11.40 12.18
CA GLN A 23 11.88 -11.82 12.89
C GLN A 23 11.48 -10.69 13.82
N TYR A 24 10.29 -10.14 13.65
CA TYR A 24 9.83 -9.02 14.50
C TYR A 24 8.32 -8.96 14.48
N MET A 25 7.75 -8.53 15.60
CA MET A 25 6.30 -8.29 15.73
C MET A 25 6.02 -6.86 15.25
N PRO A 26 4.78 -6.59 14.80
CA PRO A 26 4.39 -5.24 14.42
C PRO A 26 4.00 -4.61 15.75
N THR A 27 4.73 -3.62 16.14
CA THR A 27 4.36 -2.82 17.32
C THR A 27 4.11 -1.40 16.81
N PHE A 28 3.39 -0.63 17.59
CA PHE A 28 3.35 0.83 17.37
C PHE A 28 4.76 1.43 17.37
N GLU A 29 5.59 1.11 18.36
CA GLU A 29 6.87 1.81 18.52
C GLU A 29 7.77 1.49 17.33
N LEU A 30 7.69 0.29 16.76
CA LEU A 30 8.51 -0.07 15.58
C LEU A 30 8.02 0.78 14.39
N ASN A 31 6.72 0.80 14.16
CA ASN A 31 6.13 1.58 13.03
C ASN A 31 6.38 3.07 13.26
N LYS A 32 6.36 3.56 14.48
CA LYS A 32 6.72 4.95 14.81
C LYS A 32 8.17 5.23 14.38
N ALA A 33 9.10 4.37 14.81
CA ALA A 33 10.52 4.55 14.43
C ALA A 33 10.67 4.57 12.89
N ILE A 34 9.98 3.67 12.19
CA ILE A 34 10.08 3.53 10.72
C ILE A 34 9.54 4.81 10.09
N VAL A 35 8.36 5.25 10.50
CA VAL A 35 7.74 6.41 9.78
C VAL A 35 8.46 7.71 10.15
N GLN A 36 8.95 7.84 11.36
CA GLN A 36 9.71 9.07 11.74
C GLN A 36 11.01 9.08 10.94
N LYS A 37 11.64 7.93 10.73
CA LYS A 37 12.91 7.90 9.92
C LYS A 37 12.56 8.15 8.46
N ALA A 38 11.49 7.56 7.93
CA ALA A 38 11.04 7.86 6.54
C ALA A 38 10.78 9.35 6.35
N GLU A 39 10.11 9.98 7.29
CA GLU A 39 9.80 11.43 7.24
C GLU A 39 11.11 12.24 7.24
N HIS A 40 12.09 11.82 8.03
CA HIS A 40 13.40 12.50 8.14
C HIS A 40 14.09 12.51 6.77
N TYR A 41 13.98 11.43 6.00
CA TYR A 41 14.56 11.27 4.65
C TYR A 41 13.58 11.68 3.53
N HIS A 42 12.54 12.45 3.86
CA HIS A 42 11.64 13.09 2.89
C HIS A 42 10.87 12.08 2.08
N PHE A 43 10.55 10.91 2.68
CA PHE A 43 9.55 10.05 2.04
C PHE A 43 8.25 10.85 1.97
N ASP A 44 7.55 10.67 0.86
CA ASP A 44 6.31 11.41 0.59
C ASP A 44 5.16 10.86 1.41
N PHE A 45 5.08 9.54 1.58
CA PHE A 45 3.91 8.97 2.26
C PHE A 45 4.26 7.63 2.93
N ALA A 46 3.38 7.24 3.83
CA ALA A 46 3.41 5.94 4.54
C ALA A 46 2.03 5.33 4.38
N LEU A 47 1.98 4.08 4.00
CA LEU A 47 0.71 3.33 3.91
C LEU A 47 0.79 2.07 4.78
N SER A 48 -0.31 1.72 5.44
CA SER A 48 -0.50 0.37 5.98
C SER A 48 -1.65 -0.33 5.30
N MET A 49 -1.37 -1.59 5.05
CA MET A 49 -2.40 -2.56 4.61
CA MET A 49 -2.37 -2.60 4.63
C MET A 49 -3.30 -2.98 5.79
N ILE A 50 -4.27 -3.80 5.48
CA ILE A 50 -5.10 -4.48 6.49
C ILE A 50 -5.07 -5.96 6.12
N LYS A 51 -4.78 -6.79 7.10
CA LYS A 51 -4.64 -8.25 6.84
C LYS A 51 -5.27 -8.99 8.01
N LEU A 52 -6.44 -9.54 7.79
CA LEU A 52 -7.29 -10.03 8.90
C LEU A 52 -7.04 -11.52 9.21
N ARG A 53 -6.14 -12.17 8.50
CA ARG A 53 -5.82 -13.57 8.83
C ARG A 53 -4.45 -13.88 8.25
N GLY A 54 -3.69 -14.69 8.94
CA GLY A 54 -2.30 -14.97 8.51
C GLY A 54 -2.16 -16.30 7.78
N PHE A 55 -0.90 -16.69 7.58
CA PHE A 55 -0.51 -17.89 6.81
C PHE A 55 0.22 -18.94 7.65
N GLY A 56 0.42 -18.70 8.94
CA GLY A 56 1.03 -19.67 9.87
C GLY A 56 2.46 -20.07 9.50
N GLY A 57 2.79 -21.36 9.66
CA GLY A 57 4.16 -21.84 9.43
C GLY A 57 5.08 -21.56 10.61
N LYS A 58 6.37 -21.84 10.40
CA LYS A 58 7.41 -21.62 11.41
C LYS A 58 7.43 -20.16 11.86
N THR A 59 7.20 -19.22 10.94
CA THR A 59 7.34 -17.77 11.23
C THR A 59 5.98 -17.16 11.59
N GLU A 60 4.90 -17.95 11.63
CA GLU A 60 3.56 -17.44 12.02
C GLU A 60 3.24 -16.24 11.12
N PHE A 61 3.54 -16.40 9.85
CA PHE A 61 3.62 -15.23 8.93
C PHE A 61 2.26 -14.52 8.80
N TRP A 62 2.23 -13.25 9.20
CA TRP A 62 1.01 -12.39 9.20
C TRP A 62 -0.07 -12.94 10.11
N ASP A 63 0.27 -13.87 11.03
CA ASP A 63 -0.65 -14.22 12.13
C ASP A 63 -0.89 -13.02 13.07
N HIS A 64 0.06 -12.08 13.12
CA HIS A 64 0.11 -10.95 14.07
C HIS A 64 0.04 -9.66 13.25
N ASN A 65 -1.10 -8.99 13.29
CA ASN A 65 -1.37 -7.80 12.44
C ASN A 65 -2.11 -6.75 13.25
N LEU A 66 -1.66 -5.50 13.24
CA LEU A 66 -2.42 -4.42 13.89
C LEU A 66 -3.55 -3.97 12.92
N GLU A 67 -4.41 -3.07 13.37
CA GLU A 67 -5.55 -2.55 12.57
C GLU A 67 -5.10 -1.19 11.97
N SER A 68 -5.44 -0.97 10.70
CA SER A 68 -4.81 0.09 9.87
C SER A 68 -5.20 1.52 10.31
N PHE A 69 -6.49 1.81 10.52
CA PHE A 69 -6.92 3.18 10.94
C PHE A 69 -6.38 3.58 12.29
N THR A 70 -6.37 2.68 13.28
CA THR A 70 -5.89 3.03 14.61
C THR A 70 -4.37 3.18 14.57
N LEU A 71 -3.63 2.34 13.85
CA LEU A 71 -2.18 2.47 13.70
C LEU A 71 -1.87 3.86 13.08
N MET A 72 -2.56 4.17 11.99
CA MET A 72 -2.23 5.43 11.27
C MET A 72 -2.68 6.63 12.08
N ALA A 73 -3.73 6.56 12.91
CA ALA A 73 -4.12 7.66 13.79
C ALA A 73 -2.96 7.92 14.78
N GLY A 74 -2.40 6.84 15.36
CA GLY A 74 -1.23 6.99 16.22
C GLY A 74 -0.02 7.58 15.51
N LEU A 75 0.31 7.10 14.32
CA LEU A 75 1.44 7.62 13.51
C LEU A 75 1.19 9.09 13.13
N ALA A 76 -0.04 9.47 12.80
CA ALA A 76 -0.36 10.89 12.48
C ALA A 76 0.00 11.79 13.66
N ALA A 77 -0.24 11.34 14.91
CA ALA A 77 0.01 12.12 16.13
C ALA A 77 1.50 12.33 16.40
N VAL A 78 2.39 11.55 15.79
CA VAL A 78 3.85 11.67 16.06
C VAL A 78 4.63 11.99 14.80
N THR A 79 3.94 12.56 13.81
CA THR A 79 4.57 13.04 12.55
C THR A 79 4.06 14.44 12.26
N SER A 80 4.58 15.10 11.21
CA SER A 80 4.19 16.49 10.90
C SER A 80 4.17 16.78 9.39
N ARG A 81 4.81 15.98 8.54
CA ARG A 81 4.92 16.30 7.09
C ARG A 81 4.49 15.15 6.21
N ILE A 82 4.82 13.90 6.56
CA ILE A 82 4.59 12.74 5.69
C ILE A 82 3.09 12.51 5.55
N GLN A 83 2.65 12.19 4.34
CA GLN A 83 1.26 11.78 4.08
C GLN A 83 1.03 10.39 4.70
N ILE A 84 -0.16 10.21 5.27
CA ILE A 84 -0.53 9.02 6.05
C ILE A 84 -1.74 8.39 5.37
N TYR A 85 -1.66 7.13 4.94
CA TYR A 85 -2.78 6.40 4.34
C TYR A 85 -3.09 5.14 5.16
N ALA A 86 -4.37 4.94 5.45
CA ALA A 86 -4.87 3.71 6.08
C ALA A 86 -5.64 2.94 5.04
N THR A 87 -5.76 1.64 5.20
CA THR A 87 -6.57 0.79 4.31
C THR A 87 -7.88 0.42 4.98
N ALA A 88 -8.98 0.65 4.25
CA ALA A 88 -10.32 0.19 4.63
C ALA A 88 -10.67 -1.10 3.84
N ALA A 89 -10.85 -2.18 4.57
CA ALA A 89 -11.43 -3.44 4.08
C ALA A 89 -12.93 -3.16 4.08
N THR A 90 -13.48 -2.75 2.94
CA THR A 90 -14.85 -2.18 2.88
C THR A 90 -15.93 -3.17 3.31
N LEU A 91 -15.70 -4.48 3.36
CA LEU A 91 -16.68 -5.41 3.95
C LEU A 91 -16.79 -5.27 5.48
N THR A 92 -15.82 -4.66 6.13
CA THR A 92 -15.72 -4.72 7.61
C THR A 92 -16.20 -3.41 8.25
N LEU A 93 -16.30 -2.28 7.54
CA LEU A 93 -16.66 -1.01 8.16
C LEU A 93 -17.75 -0.33 7.34
N PRO A 94 -18.82 0.18 7.98
CA PRO A 94 -19.81 0.98 7.26
C PRO A 94 -19.16 2.24 6.75
N PRO A 95 -19.56 2.70 5.54
CA PRO A 95 -18.91 3.86 4.98
C PRO A 95 -18.98 5.11 5.85
N ALA A 96 -20.08 5.35 6.56
CA ALA A 96 -20.15 6.55 7.42
C ALA A 96 -19.13 6.50 8.56
N ILE A 97 -18.75 5.30 8.99
CA ILE A 97 -17.70 5.14 10.04
C ILE A 97 -16.34 5.48 9.43
N VAL A 98 -16.05 4.96 8.25
CA VAL A 98 -14.77 5.29 7.55
C VAL A 98 -14.73 6.80 7.32
N ALA A 99 -15.87 7.38 6.88
CA ALA A 99 -15.92 8.84 6.65
C ALA A 99 -15.50 9.61 7.89
N ARG A 100 -16.01 9.23 9.06
CA ARG A 100 -15.77 9.94 10.33
C ARG A 100 -14.33 9.63 10.81
N MET A 101 -13.87 8.38 10.64
CA MET A 101 -12.47 8.08 11.00
C MET A 101 -11.51 8.95 10.15
N ALA A 102 -11.77 9.05 8.85
CA ALA A 102 -10.91 9.85 7.94
C ALA A 102 -10.92 11.34 8.40
N ALA A 103 -12.05 11.91 8.72
CA ALA A 103 -12.14 13.30 9.26
C ALA A 103 -11.38 13.43 10.58
N THR A 104 -11.37 12.36 11.37
CA THR A 104 -10.63 12.38 12.64
C THR A 104 -9.13 12.41 12.37
N ILE A 105 -8.60 11.55 11.50
CA ILE A 105 -7.17 11.48 11.29
C ILE A 105 -6.74 12.71 10.48
N ASP A 106 -7.64 13.29 9.68
CA ASP A 106 -7.42 14.63 9.07
C ASP A 106 -7.12 15.64 10.19
N SER A 107 -7.92 15.64 11.26
CA SER A 107 -7.74 16.54 12.43
C SER A 107 -6.42 16.23 13.13
N ILE A 108 -6.12 14.96 13.38
CA ILE A 108 -4.86 14.59 14.05
C ILE A 108 -3.67 15.07 13.23
N SER A 109 -3.68 14.84 11.93
CA SER A 109 -2.53 15.02 11.02
C SER A 109 -2.42 16.45 10.49
N GLY A 110 -3.47 17.27 10.63
CA GLY A 110 -3.50 18.57 9.94
C GLY A 110 -3.55 18.41 8.44
N GLY A 111 -4.40 17.53 7.92
CA GLY A 111 -4.66 17.46 6.47
C GLY A 111 -3.69 16.59 5.70
N ARG A 112 -3.14 15.54 6.33
CA ARG A 112 -2.15 14.68 5.67
C ARG A 112 -2.68 13.25 5.51
N PHE A 113 -3.98 13.03 5.61
CA PHE A 113 -4.54 11.67 5.64
C PHE A 113 -5.27 11.33 4.34
N GLY A 114 -5.20 10.06 3.94
CA GLY A 114 -6.02 9.49 2.88
C GLY A 114 -6.33 8.04 3.14
N VAL A 115 -7.21 7.50 2.34
CA VAL A 115 -7.73 6.13 2.48
C VAL A 115 -7.42 5.32 1.23
N ASN A 116 -6.92 4.11 1.47
CA ASN A 116 -6.76 3.07 0.43
C ASN A 116 -7.99 2.19 0.49
N LEU A 117 -8.86 2.21 -0.53
CA LEU A 117 -10.13 1.43 -0.46
C LEU A 117 -9.91 0.12 -1.18
N VAL A 118 -10.15 -0.98 -0.51
CA VAL A 118 -9.99 -2.35 -1.07
C VAL A 118 -11.32 -3.09 -0.93
N THR A 119 -11.56 -3.98 -1.89
CA THR A 119 -12.77 -4.83 -1.89
C THR A 119 -12.55 -5.98 -0.93
N GLY A 120 -11.31 -6.41 -0.78
CA GLY A 120 -10.99 -7.72 -0.22
C GLY A 120 -11.17 -8.74 -1.32
N TRP A 121 -10.44 -9.84 -1.26
CA TRP A 121 -10.70 -10.94 -2.20
C TRP A 121 -10.41 -12.27 -1.52
N GLN A 122 -9.63 -12.30 -0.42
CA GLN A 122 -9.28 -13.57 0.26
C GLN A 122 -10.49 -13.96 1.13
N LYS A 123 -11.30 -14.89 0.64
CA LYS A 123 -12.53 -15.34 1.32
C LYS A 123 -12.26 -15.63 2.81
N PRO A 124 -11.21 -16.39 3.20
CA PRO A 124 -11.09 -16.74 4.62
C PRO A 124 -11.03 -15.55 5.60
N GLU A 125 -10.49 -14.40 5.19
CA GLU A 125 -10.36 -13.22 6.08
C GLU A 125 -11.75 -12.79 6.56
N TYR A 126 -12.78 -13.04 5.72
CA TYR A 126 -14.18 -12.62 5.89
C TYR A 126 -15.04 -13.79 6.40
N GLU A 127 -14.87 -14.95 5.80
CA GLU A 127 -15.61 -16.19 6.19
C GLU A 127 -15.39 -16.44 7.68
N GLN A 128 -14.18 -16.17 8.16
CA GLN A 128 -13.81 -16.49 9.57
C GLN A 128 -14.72 -15.74 10.55
N MET A 129 -15.28 -14.57 10.19
CA MET A 129 -16.16 -13.76 11.05
C MET A 129 -17.58 -13.67 10.48
N GLY A 130 -17.95 -14.60 9.57
CA GLY A 130 -19.32 -14.72 9.06
C GLY A 130 -19.76 -13.57 8.19
N ILE A 131 -18.85 -12.83 7.55
CA ILE A 131 -19.30 -11.65 6.77
C ILE A 131 -18.89 -11.80 5.30
N TRP A 132 -18.54 -12.99 4.82
CA TRP A 132 -18.30 -13.14 3.37
C TRP A 132 -19.65 -13.07 2.67
N PRO A 133 -19.87 -12.18 1.67
CA PRO A 133 -21.18 -12.12 1.03
C PRO A 133 -21.49 -13.34 0.14
N GLY A 134 -20.55 -14.22 -0.13
CA GLY A 134 -20.75 -15.37 -1.04
C GLY A 134 -20.03 -15.16 -2.35
N ASP A 135 -19.98 -16.17 -3.22
CA ASP A 135 -19.02 -16.18 -4.35
C ASP A 135 -19.45 -15.23 -5.48
N ASP A 136 -20.67 -14.66 -5.43
CA ASP A 136 -21.09 -13.56 -6.32
C ASP A 136 -20.20 -12.34 -6.07
N TYR A 137 -19.59 -12.22 -4.89
CA TYR A 137 -18.79 -11.02 -4.54
C TYR A 137 -17.64 -10.88 -5.54
N PHE A 138 -17.00 -11.97 -5.97
CA PHE A 138 -15.84 -11.87 -6.89
C PHE A 138 -16.21 -10.95 -8.07
N SER A 139 -17.39 -11.13 -8.67
CA SER A 139 -17.79 -10.39 -9.90
C SER A 139 -18.42 -9.05 -9.56
N ARG A 140 -19.02 -8.89 -8.39
CA ARG A 140 -19.84 -7.69 -8.05
C ARG A 140 -19.07 -6.74 -7.12
N ARG A 141 -17.90 -7.11 -6.67
CA ARG A 141 -17.22 -6.33 -5.60
C ARG A 141 -16.97 -4.88 -6.02
N TYR A 142 -16.71 -4.56 -7.29
CA TYR A 142 -16.52 -3.14 -7.71
C TYR A 142 -17.87 -2.43 -7.84
N ASP A 143 -18.98 -3.13 -7.99
CA ASP A 143 -20.31 -2.49 -7.88
C ASP A 143 -20.50 -2.05 -6.42
N TYR A 144 -20.15 -2.93 -5.49
CA TYR A 144 -20.24 -2.64 -4.04
C TYR A 144 -19.35 -1.43 -3.73
N LEU A 145 -18.10 -1.50 -4.16
CA LEU A 145 -17.11 -0.41 -3.88
C LEU A 145 -17.59 0.92 -4.50
N THR A 146 -18.23 0.88 -5.67
CA THR A 146 -18.77 2.11 -6.31
C THR A 146 -19.83 2.72 -5.40
N GLU A 147 -20.73 1.92 -4.82
CA GLU A 147 -21.75 2.48 -3.90
C GLU A 147 -21.02 3.03 -2.67
N TYR A 148 -20.07 2.27 -2.16
CA TYR A 148 -19.36 2.66 -0.92
C TYR A 148 -18.75 4.06 -1.11
N VAL A 149 -18.00 4.28 -2.19
CA VAL A 149 -17.27 5.55 -2.43
C VAL A 149 -18.25 6.69 -2.70
N GLN A 150 -19.43 6.41 -3.28
CA GLN A 150 -20.44 7.46 -3.50
C GLN A 150 -20.90 8.01 -2.15
N VAL A 151 -21.08 7.14 -1.18
CA VAL A 151 -21.45 7.55 0.20
C VAL A 151 -20.29 8.38 0.76
N LEU A 152 -19.07 7.86 0.64
CA LEU A 152 -17.90 8.61 1.19
C LEU A 152 -17.81 10.00 0.58
N ARG A 153 -17.90 10.10 -0.73
CA ARG A 153 -17.78 11.40 -1.43
C ARG A 153 -18.89 12.37 -1.00
N ASP A 154 -20.12 11.89 -0.84
CA ASP A 154 -21.25 12.71 -0.33
C ASP A 154 -20.88 13.26 1.04
N LEU A 155 -20.46 12.38 1.96
CA LEU A 155 -20.19 12.81 3.35
C LEU A 155 -19.00 13.75 3.45
N TRP A 156 -17.91 13.46 2.75
CA TRP A 156 -16.73 14.36 2.83
C TRP A 156 -17.01 15.69 2.09
N GLY A 157 -17.80 15.66 1.04
CA GLY A 157 -18.05 16.84 0.18
C GLY A 157 -19.08 17.78 0.73
N THR A 158 -20.17 17.24 1.29
CA THR A 158 -21.32 18.02 1.77
C THR A 158 -21.58 17.82 3.26
N GLY A 159 -21.08 16.76 3.89
CA GLY A 159 -21.47 16.51 5.28
C GLY A 159 -22.71 15.61 5.36
N LYS A 160 -23.30 15.20 4.24
CA LYS A 160 -24.54 14.42 4.27
C LYS A 160 -24.69 13.53 3.04
N SER A 161 -25.47 12.48 3.19
CA SER A 161 -25.78 11.57 2.08
C SER A 161 -27.23 11.15 2.16
N ASP A 162 -27.87 11.11 0.98
CA ASP A 162 -29.20 10.46 0.79
C ASP A 162 -29.05 9.29 -0.18
N PHE A 163 -27.82 8.83 -0.43
CA PHE A 163 -27.55 7.75 -1.39
C PHE A 163 -28.42 6.51 -1.11
N LYS A 164 -29.04 5.93 -2.16
CA LYS A 164 -29.84 4.68 -2.04
C LYS A 164 -29.46 3.74 -3.17
N GLY A 165 -28.95 2.57 -2.83
CA GLY A 165 -28.45 1.61 -3.83
C GLY A 165 -28.85 0.21 -3.49
N ASP A 166 -28.16 -0.72 -4.09
CA ASP A 166 -28.34 -2.19 -3.87
C ASP A 166 -27.74 -2.60 -2.54
N PHE A 167 -26.77 -1.83 -2.05
CA PHE A 167 -25.92 -2.23 -0.90
C PHE A 167 -26.06 -1.29 0.28
N PHE A 168 -26.41 -0.02 0.07
CA PHE A 168 -26.45 1.03 1.11
C PHE A 168 -27.76 1.81 0.96
N THR A 169 -28.37 2.15 2.09
CA THR A 169 -29.51 3.08 2.20
C THR A 169 -29.15 4.16 3.20
N MET A 170 -28.90 5.37 2.71
CA MET A 170 -28.64 6.52 3.57
C MET A 170 -29.94 7.34 3.65
N ASN A 171 -30.34 7.64 4.87
CA ASN A 171 -31.54 8.50 5.12
C ASN A 171 -31.06 9.77 5.81
N ASP A 172 -30.59 10.77 5.06
CA ASP A 172 -30.02 12.02 5.63
C ASP A 172 -28.86 11.66 6.61
N CYS A 173 -28.03 10.72 6.23
CA CYS A 173 -26.78 10.39 6.98
C CYS A 173 -25.93 11.65 7.10
N ARG A 174 -25.46 11.98 8.31
CA ARG A 174 -24.59 13.15 8.55
C ARG A 174 -23.22 12.72 9.09
N VAL A 175 -22.17 13.33 8.57
CA VAL A 175 -20.80 13.24 9.16
C VAL A 175 -20.20 14.62 9.06
N SER A 176 -19.97 15.21 10.20
CA SER A 176 -19.22 16.47 10.35
C SER A 176 -18.34 16.31 11.57
N PRO A 177 -17.13 16.87 11.62
CA PRO A 177 -16.61 17.77 10.58
C PRO A 177 -16.21 17.03 9.30
N GLN A 178 -16.15 17.82 8.23
CA GLN A 178 -15.63 17.45 6.93
C GLN A 178 -14.12 17.67 6.96
N PRO A 179 -13.34 16.89 6.21
CA PRO A 179 -11.89 17.04 6.20
C PRO A 179 -11.49 18.46 5.79
N SER A 180 -10.41 18.93 6.37
CA SER A 180 -9.86 20.30 6.15
C SER A 180 -9.32 20.46 4.71
N VAL A 181 -8.96 19.39 4.03
CA VAL A 181 -8.38 19.37 2.66
C VAL A 181 -9.20 18.34 1.92
N PRO A 182 -9.22 18.35 0.58
CA PRO A 182 -9.86 17.27 -0.18
C PRO A 182 -9.27 15.92 0.20
N MET A 183 -10.13 14.99 0.60
CA MET A 183 -9.72 13.65 1.09
C MET A 183 -9.13 12.87 -0.11
N LYS A 184 -7.97 12.27 0.03
CA LYS A 184 -7.34 11.45 -1.04
C LYS A 184 -7.85 10.02 -0.90
N VAL A 185 -8.30 9.48 -2.01
CA VAL A 185 -8.72 8.08 -2.12
C VAL A 185 -7.72 7.45 -3.04
N ILE A 186 -7.17 6.32 -2.61
CA ILE A 186 -6.30 5.48 -3.44
C ILE A 186 -6.86 4.07 -3.50
N CYS A 187 -6.53 3.40 -4.59
CA CYS A 187 -7.08 2.07 -4.96
CA CYS A 187 -7.06 2.04 -4.90
C CYS A 187 -5.89 1.22 -5.43
N ALA A 188 -6.05 -0.05 -5.42
CA ALA A 188 -4.97 -1.00 -5.79
C ALA A 188 -5.56 -1.98 -6.81
N GLY A 189 -6.37 -1.50 -7.74
CA GLY A 189 -7.08 -2.37 -8.70
C GLY A 189 -6.14 -2.78 -9.81
N GLN A 190 -6.01 -4.09 -10.06
CA GLN A 190 -5.14 -4.66 -11.15
C GLN A 190 -6.05 -5.09 -12.31
N SER A 191 -7.26 -5.50 -12.00
CA SER A 191 -8.20 -6.03 -13.00
C SER A 191 -8.74 -4.88 -13.85
N ASP A 192 -9.41 -5.18 -14.95
CA ASP A 192 -10.11 -4.14 -15.75
C ASP A 192 -11.15 -3.41 -14.90
N ALA A 193 -11.97 -4.15 -14.14
CA ALA A 193 -12.98 -3.57 -13.22
C ALA A 193 -12.28 -2.65 -12.21
N GLY A 194 -11.15 -3.09 -11.66
CA GLY A 194 -10.47 -2.35 -10.58
C GLY A 194 -9.91 -1.06 -11.11
N MET A 195 -9.30 -1.13 -12.28
CA MET A 195 -8.70 0.08 -12.89
C MET A 195 -9.80 1.05 -13.33
N ALA A 196 -10.95 0.55 -13.75
CA ALA A 196 -12.09 1.41 -14.16
C ALA A 196 -12.60 2.12 -12.91
N PHE A 197 -12.63 1.42 -11.75
CA PHE A 197 -12.99 2.07 -10.47
C PHE A 197 -11.99 3.18 -10.16
N SER A 198 -10.70 2.87 -10.19
CA SER A 198 -9.61 3.79 -9.88
C SER A 198 -9.69 5.00 -10.81
N ALA A 199 -9.88 4.77 -12.09
CA ALA A 199 -9.95 5.90 -13.05
C ALA A 199 -11.07 6.88 -12.72
N ARG A 200 -12.16 6.41 -12.14
CA ARG A 200 -13.35 7.24 -11.80
CA ARG A 200 -13.35 7.24 -11.82
C ARG A 200 -13.18 7.91 -10.44
N TYR A 201 -12.62 7.20 -9.43
CA TYR A 201 -12.66 7.69 -8.02
C TYR A 201 -11.34 7.87 -7.26
N ALA A 202 -10.21 7.35 -7.73
CA ALA A 202 -8.91 7.39 -7.02
C ALA A 202 -8.07 8.56 -7.47
N ASP A 203 -7.20 9.04 -6.61
CA ASP A 203 -6.12 9.98 -6.94
C ASP A 203 -4.95 9.22 -7.59
N PHE A 204 -4.75 7.98 -7.20
CA PHE A 204 -3.70 7.14 -7.82
C PHE A 204 -3.95 5.69 -7.49
N ASN A 205 -3.33 4.87 -8.31
CA ASN A 205 -3.61 3.43 -8.31
C ASN A 205 -2.29 2.72 -7.98
N PHE A 206 -2.29 1.85 -7.00
CA PHE A 206 -1.11 1.03 -6.69
C PHE A 206 -1.11 -0.21 -7.55
N CYS A 207 0.05 -0.54 -8.12
CA CYS A 207 0.21 -1.83 -8.80
C CYS A 207 1.49 -2.52 -8.31
N PHE A 208 1.60 -3.79 -8.61
CA PHE A 208 2.79 -4.62 -8.29
C PHE A 208 3.91 -4.35 -9.26
N GLY A 209 5.08 -4.07 -8.74
CA GLY A 209 6.35 -4.23 -9.47
C GLY A 209 6.52 -5.68 -9.87
N LYS A 210 7.29 -5.95 -10.93
CA LYS A 210 7.41 -7.31 -11.49
C LYS A 210 8.88 -7.70 -11.66
N GLY A 211 9.17 -8.95 -11.35
CA GLY A 211 10.48 -9.59 -11.57
C GLY A 211 11.51 -9.16 -10.56
N VAL A 212 12.71 -9.70 -10.74
CA VAL A 212 13.90 -9.36 -9.94
C VAL A 212 14.80 -8.60 -10.86
N ASN A 213 15.09 -7.34 -10.54
CA ASN A 213 16.01 -6.47 -11.28
C ASN A 213 15.50 -6.34 -12.72
N THR A 214 14.18 -6.29 -12.91
CA THR A 214 13.56 -5.85 -14.20
C THR A 214 12.60 -4.71 -13.87
N PRO A 215 13.13 -3.53 -13.58
CA PRO A 215 12.35 -2.46 -12.95
C PRO A 215 11.20 -2.01 -13.87
N THR A 216 11.37 -2.12 -15.20
CA THR A 216 10.33 -1.62 -16.15
C THR A 216 9.35 -2.70 -16.54
N ALA A 217 9.41 -3.90 -15.98
CA ALA A 217 8.58 -5.06 -16.38
C ALA A 217 7.10 -4.81 -16.08
N PHE A 218 6.76 -3.93 -15.13
CA PHE A 218 5.32 -3.62 -14.83
C PHE A 218 4.72 -2.69 -15.92
N ALA A 219 5.52 -2.18 -16.87
CA ALA A 219 5.09 -1.09 -17.79
C ALA A 219 3.72 -1.41 -18.40
N PRO A 220 3.43 -2.64 -18.85
CA PRO A 220 2.12 -2.93 -19.44
C PRO A 220 0.96 -2.65 -18.48
N THR A 221 1.16 -2.88 -17.18
CA THR A 221 0.11 -2.64 -16.17
C THR A 221 -0.15 -1.14 -16.09
N ALA A 222 0.91 -0.35 -16.03
CA ALA A 222 0.81 1.10 -15.92
C ALA A 222 0.18 1.63 -17.23
N ALA A 223 0.47 0.98 -18.35
CA ALA A 223 -0.16 1.38 -19.64
C ALA A 223 -1.66 1.14 -19.56
N ARG A 224 -2.09 0.00 -19.02
CA ARG A 224 -3.53 -0.31 -18.89
C ARG A 224 -4.18 0.74 -17.99
N MET A 225 -3.50 1.11 -16.92
CA MET A 225 -4.05 2.11 -16.00
C MET A 225 -4.16 3.46 -16.72
N LYS A 226 -3.19 3.84 -17.56
CA LYS A 226 -3.26 5.12 -18.29
C LYS A 226 -4.46 5.08 -19.23
N GLN A 227 -4.71 3.94 -19.88
CA GLN A 227 -5.86 3.77 -20.83
C GLN A 227 -7.16 3.91 -20.04
N ALA A 228 -7.28 3.27 -18.87
CA ALA A 228 -8.45 3.41 -17.97
C ALA A 228 -8.68 4.89 -17.61
N ALA A 229 -7.64 5.65 -17.26
CA ALA A 229 -7.71 7.08 -16.87
C ALA A 229 -8.15 7.91 -18.08
N GLU A 230 -7.77 7.50 -19.29
CA GLU A 230 -8.21 8.28 -20.49
C GLU A 230 -9.76 8.25 -20.59
N GLN A 231 -10.38 7.13 -20.18
CA GLN A 231 -11.84 6.89 -20.28
C GLN A 231 -12.59 7.81 -19.32
N THR A 232 -11.95 8.42 -18.32
CA THR A 232 -12.60 9.35 -17.40
C THR A 232 -12.04 10.76 -17.56
N GLY A 233 -10.96 10.95 -18.32
CA GLY A 233 -10.26 12.24 -18.40
C GLY A 233 -9.58 12.67 -17.12
N ARG A 234 -9.39 11.73 -16.17
CA ARG A 234 -8.75 12.06 -14.87
C ARG A 234 -7.26 11.65 -14.84
N ASP A 235 -6.47 12.40 -14.11
CA ASP A 235 -5.02 12.14 -13.96
C ASP A 235 -4.83 11.15 -12.82
N VAL A 236 -4.81 9.87 -13.10
CA VAL A 236 -4.69 8.82 -12.06
C VAL A 236 -3.43 8.01 -12.38
N GLY A 237 -2.32 8.40 -11.78
CA GLY A 237 -1.03 7.73 -11.98
C GLY A 237 -0.88 6.42 -11.22
N SER A 238 0.21 5.70 -11.54
CA SER A 238 0.53 4.38 -10.96
C SER A 238 1.62 4.56 -9.92
N TYR A 239 1.43 3.99 -8.74
CA TYR A 239 2.50 3.86 -7.73
C TYR A 239 2.81 2.37 -7.62
N VAL A 240 4.09 2.03 -7.75
CA VAL A 240 4.49 0.64 -8.01
C VAL A 240 5.16 0.10 -6.73
N LEU A 241 4.80 -1.08 -6.32
CA LEU A 241 5.31 -1.76 -5.11
C LEU A 241 6.56 -2.58 -5.47
N PHE A 242 7.65 -2.30 -4.77
CA PHE A 242 8.90 -3.08 -4.86
C PHE A 242 9.43 -3.37 -3.46
N MET A 243 10.12 -4.49 -3.35
CA MET A 243 11.05 -4.72 -2.23
C MET A 243 12.48 -4.31 -2.65
N VAL A 244 13.16 -3.54 -1.82
CA VAL A 244 14.57 -3.12 -2.02
C VAL A 244 15.43 -3.95 -1.06
N ILE A 245 16.38 -4.68 -1.64
CA ILE A 245 17.46 -5.39 -0.91
C ILE A 245 18.77 -4.81 -1.39
N ALA A 246 19.27 -3.81 -0.69
CA ALA A 246 20.45 -3.05 -1.13
C ALA A 246 21.63 -3.31 -0.20
N ASP A 247 22.83 -3.22 -0.74
CA ASP A 247 24.07 -3.32 0.08
C ASP A 247 25.16 -2.51 -0.60
N GLU A 248 26.36 -2.57 -0.07
CA GLU A 248 27.54 -1.82 -0.59
C GLU A 248 27.89 -2.30 -2.01
N THR A 249 27.66 -3.55 -2.34
CA THR A 249 28.02 -4.16 -3.64
C THR A 249 26.85 -4.97 -4.10
N ASP A 250 26.80 -5.21 -5.41
CA ASP A 250 25.81 -6.13 -6.00
C ASP A 250 25.93 -7.51 -5.39
N ASP A 251 27.16 -8.00 -5.20
CA ASP A 251 27.40 -9.36 -4.69
C ASP A 251 26.84 -9.52 -3.25
N ALA A 252 27.03 -8.52 -2.42
CA ALA A 252 26.57 -8.53 -1.02
C ALA A 252 25.04 -8.55 -0.96
N ALA A 253 24.37 -7.76 -1.81
CA ALA A 253 22.89 -7.73 -1.85
C ALA A 253 22.38 -9.07 -2.30
N ARG A 254 22.97 -9.66 -3.34
CA ARG A 254 22.57 -10.96 -3.88
C ARG A 254 22.78 -12.01 -2.80
N ALA A 255 23.87 -11.90 -2.04
CA ALA A 255 24.10 -12.90 -0.95
C ALA A 255 22.96 -12.86 0.07
N LYS A 256 22.44 -11.67 0.41
CA LYS A 256 21.33 -11.58 1.40
C LYS A 256 20.08 -12.18 0.79
N TRP A 257 19.73 -11.78 -0.45
CA TRP A 257 18.54 -12.31 -1.15
C TRP A 257 18.60 -13.83 -1.17
N GLU A 258 19.74 -14.39 -1.57
CA GLU A 258 19.85 -15.87 -1.61
C GLU A 258 19.69 -16.47 -0.20
N HIS A 259 20.25 -15.83 0.83
CA HIS A 259 20.13 -16.28 2.25
C HIS A 259 18.65 -16.27 2.64
N TYR A 260 17.88 -15.25 2.23
CA TYR A 260 16.44 -15.24 2.54
C TYR A 260 15.72 -16.38 1.83
N LYS A 261 15.93 -16.55 0.53
CA LYS A 261 15.30 -17.63 -0.26
C LYS A 261 15.61 -19.00 0.39
N ALA A 262 16.82 -19.18 0.90
CA ALA A 262 17.28 -20.49 1.48
C ALA A 262 16.51 -20.80 2.76
N GLY A 263 16.01 -19.78 3.45
CA GLY A 263 15.26 -19.96 4.70
C GLY A 263 13.74 -20.04 4.48
N ALA A 264 13.27 -20.11 3.23
CA ALA A 264 11.83 -20.02 2.89
C ALA A 264 11.00 -20.86 3.85
N ASP A 265 9.94 -20.28 4.42
CA ASP A 265 9.06 -20.95 5.41
C ASP A 265 8.01 -21.70 4.61
N GLU A 266 8.32 -22.94 4.17
CA GLU A 266 7.52 -23.66 3.14
C GLU A 266 6.08 -23.94 3.63
N GLU A 267 5.90 -24.19 4.92
CA GLU A 267 4.54 -24.40 5.50
C GLU A 267 3.67 -23.14 5.33
N ALA A 268 4.20 -21.95 5.62
CA ALA A 268 3.47 -20.69 5.37
C ALA A 268 3.21 -20.53 3.88
N LEU A 269 4.20 -20.80 3.02
CA LEU A 269 4.06 -20.65 1.53
C LEU A 269 2.96 -21.58 1.01
N SER A 270 2.78 -22.72 1.65
CA SER A 270 1.73 -23.71 1.29
C SER A 270 0.34 -23.07 1.43
N TRP A 271 0.07 -22.49 2.61
CA TRP A 271 -1.18 -21.76 2.91
C TRP A 271 -1.38 -20.62 1.91
N LEU A 272 -0.34 -19.88 1.56
CA LEU A 272 -0.47 -18.71 0.64
C LEU A 272 -0.89 -19.17 -0.77
N THR A 273 -0.34 -20.27 -1.32
CA THR A 273 -0.67 -20.81 -2.67
C THR A 273 -2.19 -21.01 -2.80
N ASP A 293 16.57 -15.74 -13.38
CA ASP A 293 16.57 -15.00 -12.09
C ASP A 293 15.12 -14.74 -11.64
N PRO A 294 14.40 -15.75 -11.14
CA PRO A 294 12.96 -15.61 -10.98
C PRO A 294 12.62 -14.93 -9.65
N THR A 295 11.44 -14.33 -9.61
CA THR A 295 10.79 -13.92 -8.35
C THR A 295 10.61 -15.14 -7.46
N SER A 296 10.49 -14.91 -6.17
CA SER A 296 10.42 -15.99 -5.16
C SER A 296 9.17 -15.79 -4.33
N ALA A 297 8.50 -16.87 -3.99
CA ALA A 297 7.38 -16.83 -3.04
C ALA A 297 7.84 -16.25 -1.69
N VAL A 298 9.16 -16.18 -1.41
CA VAL A 298 9.67 -15.74 -0.07
C VAL A 298 9.20 -14.30 0.14
N ASN A 299 8.90 -13.53 -0.91
CA ASN A 299 8.29 -12.20 -0.68
C ASN A 299 7.00 -12.05 -1.49
N ILE A 300 6.26 -13.15 -1.64
CA ILE A 300 4.96 -13.20 -2.38
C ILE A 300 5.21 -12.76 -3.81
N ASN A 301 6.34 -13.18 -4.38
CA ASN A 301 6.69 -12.94 -5.81
C ASN A 301 6.65 -11.45 -6.10
N MET A 302 7.05 -10.64 -5.13
CA MET A 302 7.04 -9.16 -5.28
C MET A 302 8.11 -8.77 -6.29
N GLY A 303 7.84 -7.71 -7.05
CA GLY A 303 8.91 -6.94 -7.69
C GLY A 303 10.05 -6.67 -6.70
N THR A 304 11.27 -7.11 -7.01
CA THR A 304 12.44 -7.01 -6.12
C THR A 304 13.62 -6.35 -6.83
N LEU A 305 14.24 -5.37 -6.20
CA LEU A 305 15.44 -4.67 -6.67
C LEU A 305 16.59 -5.04 -5.71
N VAL A 306 17.58 -5.74 -6.25
CA VAL A 306 18.67 -6.40 -5.44
C VAL A 306 20.01 -5.93 -6.00
N GLY A 307 20.73 -5.09 -5.27
CA GLY A 307 22.01 -4.59 -5.75
C GLY A 307 22.68 -3.64 -4.81
N SER A 308 23.80 -3.15 -5.27
CA SER A 308 24.52 -2.03 -4.67
C SER A 308 23.56 -0.83 -4.55
N TYR A 309 23.85 0.04 -3.62
CA TYR A 309 23.09 1.31 -3.47
C TYR A 309 22.97 2.02 -4.82
N ALA A 310 24.06 2.04 -5.59
CA ALA A 310 24.11 2.73 -6.89
C ALA A 310 23.26 1.99 -7.90
N SER A 311 23.29 0.66 -7.90
CA SER A 311 22.49 -0.19 -8.82
C SER A 311 21.00 0.04 -8.53
N VAL A 312 20.64 0.12 -7.25
CA VAL A 312 19.20 0.29 -6.87
C VAL A 312 18.76 1.70 -7.29
N ALA A 313 19.58 2.71 -7.09
CA ALA A 313 19.28 4.10 -7.52
C ALA A 313 19.05 4.12 -9.04
N ARG A 314 19.86 3.39 -9.81
CA ARG A 314 19.74 3.37 -11.30
C ARG A 314 18.42 2.71 -11.66
N MET A 315 18.08 1.64 -10.98
CA MET A 315 16.91 0.84 -11.32
C MET A 315 15.65 1.63 -10.93
N LEU A 316 15.68 2.39 -9.83
CA LEU A 316 14.51 3.21 -9.42
C LEU A 316 14.37 4.39 -10.40
N ASP A 317 15.48 4.96 -10.88
CA ASP A 317 15.43 5.98 -11.98
C ASP A 317 14.78 5.38 -13.23
N GLU A 318 14.93 4.09 -13.52
CA GLU A 318 14.28 3.43 -14.67
C GLU A 318 12.77 3.30 -14.44
N VAL A 319 12.34 2.96 -13.23
CA VAL A 319 10.90 2.96 -12.87
C VAL A 319 10.31 4.34 -13.23
N ALA A 320 10.99 5.41 -12.89
CA ALA A 320 10.52 6.80 -13.00
C ALA A 320 10.27 7.18 -14.45
N SER A 321 10.90 6.47 -15.40
CA SER A 321 10.79 6.73 -16.86
C SER A 321 9.60 5.98 -17.47
N VAL A 322 8.91 5.11 -16.74
CA VAL A 322 7.83 4.28 -17.32
C VAL A 322 6.58 5.14 -17.45
N PRO A 323 5.95 5.19 -18.65
CA PRO A 323 4.71 5.93 -18.84
C PRO A 323 3.67 5.58 -17.76
N GLY A 324 3.26 6.60 -17.02
CA GLY A 324 2.16 6.47 -16.06
C GLY A 324 2.68 6.32 -14.63
N ALA A 325 3.94 5.95 -14.44
CA ALA A 325 4.52 5.72 -13.09
C ALA A 325 4.76 7.08 -12.43
N GLU A 326 4.13 7.35 -11.29
CA GLU A 326 4.32 8.63 -10.55
C GLU A 326 5.09 8.40 -9.25
N GLY A 327 5.10 7.16 -8.77
CA GLY A 327 5.85 6.89 -7.53
C GLY A 327 6.07 5.42 -7.32
N VAL A 328 6.76 5.11 -6.22
CA VAL A 328 6.99 3.71 -5.79
C VAL A 328 6.63 3.63 -4.30
N LEU A 329 6.10 2.49 -3.96
CA LEU A 329 5.80 2.08 -2.57
C LEU A 329 6.86 1.05 -2.23
N LEU A 330 7.63 1.28 -1.17
CA LEU A 330 8.82 0.46 -0.90
C LEU A 330 8.61 -0.38 0.36
N THR A 331 8.94 -1.66 0.23
CA THR A 331 9.32 -2.50 1.39
C THR A 331 10.83 -2.73 1.37
N PHE A 332 11.35 -3.17 2.49
CA PHE A 332 12.78 -3.48 2.63
C PHE A 332 12.87 -4.84 3.31
N ASP A 333 14.06 -5.45 3.26
CA ASP A 333 14.35 -6.67 4.07
C ASP A 333 14.46 -6.29 5.55
N ASP A 334 14.93 -5.09 5.84
CA ASP A 334 15.11 -4.57 7.20
C ASP A 334 14.74 -3.10 7.14
N PHE A 335 13.61 -2.74 7.73
CA PHE A 335 13.05 -1.39 7.51
C PHE A 335 13.92 -0.37 8.18
N LEU A 336 14.37 -0.61 9.42
CA LEU A 336 15.15 0.47 10.11
C LEU A 336 16.48 0.70 9.39
N SER A 337 17.18 -0.33 8.96
CA SER A 337 18.48 -0.07 8.28
C SER A 337 18.22 0.25 6.83
N GLY A 338 17.15 -0.28 6.25
CA GLY A 338 16.82 -0.10 4.83
C GLY A 338 16.45 1.35 4.54
N ILE A 339 15.68 1.95 5.42
CA ILE A 339 15.27 3.39 5.25
C ILE A 339 16.49 4.27 5.40
N GLU A 340 17.36 3.93 6.31
CA GLU A 340 18.59 4.70 6.59
C GLU A 340 19.49 4.67 5.35
N THR A 341 19.77 3.49 4.82
CA THR A 341 20.70 3.34 3.66
C THR A 341 20.01 3.90 2.43
N PHE A 342 18.68 3.78 2.34
CA PHE A 342 17.96 4.43 1.22
C PHE A 342 18.23 5.94 1.31
N GLY A 343 18.00 6.56 2.46
CA GLY A 343 18.12 8.01 2.59
C GLY A 343 19.56 8.48 2.46
N GLU A 344 20.53 7.71 2.98
CA GLU A 344 21.95 8.14 2.99
C GLU A 344 22.70 7.76 1.71
N ARG A 345 22.37 6.65 1.05
CA ARG A 345 23.18 6.10 -0.04
C ARG A 345 22.42 6.01 -1.39
N ILE A 346 21.09 5.76 -1.42
CA ILE A 346 20.37 5.49 -2.67
C ILE A 346 19.77 6.80 -3.17
N GLN A 347 18.94 7.39 -2.33
CA GLN A 347 18.17 8.59 -2.72
C GLN A 347 19.11 9.69 -3.23
N PRO A 348 20.31 9.96 -2.63
CA PRO A 348 21.18 11.02 -3.16
C PRO A 348 21.70 10.77 -4.58
N LEU A 349 21.58 9.57 -5.13
CA LEU A 349 22.05 9.22 -6.50
C LEU A 349 20.89 9.21 -7.49
N MET A 350 19.65 9.37 -7.02
CA MET A 350 18.45 9.23 -7.87
C MET A 350 18.18 10.56 -8.59
N GLN A 351 18.22 10.54 -9.90
CA GLN A 351 17.87 11.74 -10.72
C GLN A 351 16.42 12.16 -10.41
N CYS A 352 15.53 11.21 -10.20
CA CYS A 352 14.09 11.49 -9.91
C CYS A 352 13.86 12.01 -8.46
N ARG A 353 14.89 12.22 -7.65
CA ARG A 353 14.76 12.84 -6.29
C ARG A 353 15.65 14.07 -6.18
N ALA A 354 16.12 14.63 -7.31
CA ALA A 354 17.04 15.78 -7.31
C ALA A 354 16.33 17.02 -6.76
N HIS A 355 14.99 17.00 -6.69
CA HIS A 355 14.16 18.11 -6.12
C HIS A 355 14.31 18.22 -4.60
N LEU A 356 14.71 17.19 -3.88
CA LEU A 356 14.83 17.30 -2.38
C LEU A 356 15.94 18.29 -2.03
N PRO A 357 15.86 18.99 -0.87
CA PRO A 357 17.00 19.70 -0.28
C PRO A 357 18.38 19.03 -0.52
S SO4 B . 3.24 9.80 -18.47
O1 SO4 B . 2.19 10.71 -18.07
O2 SO4 B . 3.91 9.28 -17.30
O3 SO4 B . 4.19 10.48 -19.30
O4 SO4 B . 2.64 8.72 -19.23
S SO4 C . 16.59 -11.42 14.00
O1 SO4 C . 16.59 -9.98 13.69
O2 SO4 C . 16.52 -11.61 15.43
O3 SO4 C . 15.45 -12.08 13.40
O4 SO4 C . 17.79 -12.00 13.50
S SO4 D . 7.99 11.74 19.47
O1 SO4 D . 8.34 12.44 20.69
O2 SO4 D . 6.55 11.60 19.39
O3 SO4 D . 8.45 12.48 18.32
O4 SO4 D . 8.63 10.45 19.48
C1 GOL E . 13.62 -4.07 13.15
O1 GOL E . 13.43 -5.35 13.77
C2 GOL E . 13.61 -4.12 11.61
O2 GOL E . 14.18 -2.91 11.12
C3 GOL E . 12.22 -4.27 11.00
O3 GOL E . 12.28 -4.41 9.58
N1 FMN F . -6.18 -6.14 -0.40
C2 FMN F . -6.70 -6.21 0.86
O2 FMN F . -7.73 -6.92 1.10
N3 FMN F . -6.12 -5.51 1.87
C4 FMN F . -5.04 -4.72 1.68
O4 FMN F . -4.55 -4.01 2.57
C4A FMN F . -4.48 -4.58 0.33
N5 FMN F . -3.45 -3.74 0.09
C5A FMN F . -2.87 -3.73 -1.14
C6 FMN F . -1.77 -2.90 -1.36
C7 FMN F . -1.15 -2.88 -2.61
C7M FMN F . 0.04 -1.97 -2.70
C8 FMN F . -1.71 -3.67 -3.73
C8M FMN F . -1.11 -3.60 -5.13
C9 FMN F . -2.81 -4.47 -3.50
C9A FMN F . -3.41 -4.55 -2.23
N10 FMN F . -4.56 -5.27 -2.00
C10 FMN F . -5.10 -5.37 -0.71
C1' FMN F . -5.22 -6.08 -3.07
C2' FMN F . -5.90 -5.06 -4.01
O2' FMN F . -6.87 -4.16 -3.42
C3' FMN F . -6.58 -5.78 -5.20
O3' FMN F . -7.68 -6.57 -4.74
C4' FMN F . -5.58 -6.64 -6.01
O4' FMN F . -4.53 -5.72 -6.42
C5' FMN F . -6.30 -7.39 -7.17
O5' FMN F . -6.93 -6.49 -8.12
P FMN F . -8.44 -6.58 -8.47
O1P FMN F . -8.55 -7.97 -8.97
O2P FMN F . -9.10 -6.26 -7.12
O3P FMN F . -8.68 -5.47 -9.44
O1 OXY G . -2.82 -0.90 1.47
O2 OXY G . -2.89 -2.04 1.17
#